data_8IY8
#
_entry.id   8IY8
#
_cell.length_a   48.134
_cell.length_b   75.659
_cell.length_c   135.640
_cell.angle_alpha   90.000
_cell.angle_beta   90.000
_cell.angle_gamma   90.000
#
_symmetry.space_group_name_H-M   'P 21 21 21'
#
loop_
_entity.id
_entity.type
_entity.pdbx_description
1 polymer 'Feruloyl esterase'
2 non-polymer 2-acetamido-2-deoxy-beta-D-glucopyranose
3 non-polymer 'ACETATE ION'
4 water water
#
_entity_poly.entity_id   1
_entity_poly.type   'polypeptide(L)'
_entity_poly.pdbx_seq_one_letter_code
;HHHHHHATLSQVLDFGNNPGDNEMWIYVPDQLAANPAVIVALHGCLGSAEGYYSEVQDLPPAADENGFILVYPGSNDDFH
CWDVATAESLTHDGGSDSRSIVNMVQYTLDKYSGDSSKVFTTGSSSGAMMSLVLAAAYPDVFSGVAAYSGVPYGCLRGSP
GSSPFTADQACANGEVSRTAQEWKDEVKMAWPGYNGTYPKVQVWHGTADSVISPNNFDEEVKQWSAVFGVNVTKEEQDSP
LDGYTRSIFGDGSHFEAYLAEGVGHVVPTQVDSTLRWFGLI
;
_entity_poly.pdbx_strand_id   A,B
#
loop_
_chem_comp.id
_chem_comp.type
_chem_comp.name
_chem_comp.formula
ACT non-polymer 'ACETATE ION' 'C2 H3 O2 -1'
NAG D-saccharide, beta linking 2-acetamido-2-deoxy-beta-D-glucopyranose 'C8 H15 N O6'
#
# COMPACT_ATOMS: atom_id res chain seq x y z
N HIS A 4 28.48 -13.09 4.72
CA HIS A 4 28.66 -12.04 5.71
C HIS A 4 27.32 -11.71 6.36
N HIS A 5 27.36 -11.27 7.62
CA HIS A 5 26.14 -10.83 8.29
C HIS A 5 25.57 -9.62 7.58
N HIS A 6 24.24 -9.53 7.55
CA HIS A 6 23.55 -8.38 6.97
C HIS A 6 22.46 -7.94 7.94
N ALA A 7 22.32 -6.63 8.10
CA ALA A 7 21.22 -6.08 8.87
C ALA A 7 19.88 -6.40 8.20
N THR A 8 18.86 -6.57 9.03
CA THR A 8 17.51 -6.86 8.57
C THR A 8 16.51 -6.11 9.42
N LEU A 9 15.35 -5.82 8.84
CA LEU A 9 14.27 -5.24 9.61
C LEU A 9 13.80 -6.23 10.66
N SER A 10 13.66 -5.77 11.90
CA SER A 10 13.33 -6.62 13.03
CA SER A 10 13.26 -6.65 12.98
C SER A 10 12.27 -5.94 13.88
N GLN A 11 11.29 -6.70 14.35
CA GLN A 11 10.29 -6.13 15.23
C GLN A 11 10.86 -6.03 16.64
N VAL A 12 10.61 -4.88 17.28
CA VAL A 12 11.00 -4.66 18.67
C VAL A 12 9.75 -4.93 19.49
N LEU A 13 9.76 -6.04 20.25
CA LEU A 13 8.55 -6.48 20.92
C LEU A 13 8.25 -5.72 22.20
N ASP A 14 9.23 -5.02 22.76
CA ASP A 14 9.04 -4.21 23.96
C ASP A 14 9.93 -2.98 23.84
N PHE A 15 9.32 -1.82 23.62
CA PHE A 15 10.04 -0.55 23.57
C PHE A 15 9.59 0.42 24.66
N GLY A 16 8.84 -0.05 25.64
CA GLY A 16 8.28 0.82 26.66
C GLY A 16 6.77 0.95 26.52
N ASN A 17 6.26 2.05 27.07
CA ASN A 17 4.83 2.30 27.07
C ASN A 17 4.33 2.47 25.65
N ASN A 18 3.16 1.90 25.35
CA ASN A 18 2.64 1.80 23.98
C ASN A 18 1.16 2.14 23.97
N PRO A 19 0.82 3.42 24.19
CA PRO A 19 -0.61 3.77 24.30
C PRO A 19 -1.42 3.52 23.03
N GLY A 20 -0.79 3.60 21.85
CA GLY A 20 -1.49 3.32 20.62
C GLY A 20 -1.60 1.85 20.28
N ASP A 21 -0.95 0.98 21.06
CA ASP A 21 -0.93 -0.47 20.78
C ASP A 21 -0.33 -0.76 19.40
N ASN A 22 0.72 -0.02 19.06
CA ASN A 22 1.35 -0.13 17.76
C ASN A 22 2.48 -1.15 17.77
N GLU A 23 2.93 -1.51 16.58
CA GLU A 23 4.14 -2.29 16.41
C GLU A 23 5.30 -1.34 16.19
N MET A 24 6.48 -1.79 16.60
CA MET A 24 7.71 -1.09 16.27
C MET A 24 8.63 -2.04 15.53
N TRP A 25 9.10 -1.63 14.37
CA TRP A 25 10.12 -2.37 13.63
C TRP A 25 11.32 -1.46 13.46
N ILE A 26 12.52 -2.05 13.41
CA ILE A 26 13.74 -1.25 13.38
C ILE A 26 14.70 -1.85 12.37
N TYR A 27 15.42 -0.96 11.67
CA TYR A 27 16.53 -1.34 10.81
C TYR A 27 17.77 -0.65 11.35
N VAL A 28 18.67 -1.42 11.95
CA VAL A 28 19.89 -0.91 12.56
C VAL A 28 21.06 -1.40 11.70
N PRO A 29 21.76 -0.52 11.00
CA PRO A 29 22.91 -0.96 10.20
C PRO A 29 23.96 -1.60 11.09
N ASP A 30 24.71 -2.53 10.49
CA ASP A 30 25.76 -3.23 11.22
C ASP A 30 26.86 -2.30 11.71
N GLN A 31 27.06 -1.15 11.07
CA GLN A 31 27.98 -0.14 11.55
C GLN A 31 27.22 1.18 11.70
N LEU A 32 27.15 1.69 12.92
CA LEU A 32 26.47 2.94 13.22
C LEU A 32 27.46 4.09 13.30
N ALA A 33 26.96 5.29 13.04
CA ALA A 33 27.69 6.49 13.43
C ALA A 33 27.80 6.53 14.94
N ALA A 34 28.77 7.30 15.44
CA ALA A 34 29.04 7.35 16.87
C ALA A 34 27.83 7.82 17.66
N ASN A 35 27.11 8.81 17.15
N ASN A 35 27.13 8.83 17.16
CA ASN A 35 25.96 9.42 17.80
CA ASN A 35 25.95 9.40 17.82
C ASN A 35 24.82 9.40 16.78
C ASN A 35 24.85 9.39 16.77
N PRO A 36 24.23 8.23 16.55
CA PRO A 36 23.40 8.06 15.35
C PRO A 36 22.11 8.86 15.35
N ALA A 37 21.77 9.37 14.18
CA ALA A 37 20.46 9.95 13.91
C ALA A 37 19.40 8.85 13.80
N VAL A 38 18.15 9.26 13.87
CA VAL A 38 17.01 8.34 13.79
C VAL A 38 16.01 8.91 12.78
N ILE A 39 15.59 8.09 11.82
CA ILE A 39 14.50 8.45 10.92
C ILE A 39 13.32 7.52 11.17
N VAL A 40 12.18 8.11 11.50
CA VAL A 40 10.91 7.39 11.62
C VAL A 40 10.25 7.39 10.25
N ALA A 41 9.97 6.20 9.71
CA ALA A 41 9.41 6.03 8.37
C ALA A 41 8.03 5.39 8.50
N LEU A 42 6.99 6.09 8.05
CA LEU A 42 5.60 5.78 8.37
C LEU A 42 4.80 5.32 7.15
N HIS A 43 4.26 4.11 7.22
CA HIS A 43 3.47 3.54 6.14
C HIS A 43 2.11 4.25 5.99
N GLY A 44 1.48 4.00 4.85
CA GLY A 44 0.14 4.50 4.59
C GLY A 44 -0.95 3.51 4.98
N CYS A 45 -2.20 3.95 4.80
CA CYS A 45 -3.32 3.09 5.12
C CYS A 45 -3.24 1.79 4.33
N LEU A 46 -3.75 0.71 4.93
CA LEU A 46 -3.70 -0.64 4.39
C LEU A 46 -2.28 -1.17 4.26
N GLY A 47 -1.29 -0.44 4.77
CA GLY A 47 0.09 -0.83 4.71
C GLY A 47 0.59 -1.42 6.02
N SER A 48 1.93 -1.53 6.11
CA SER A 48 2.55 -2.10 7.29
C SER A 48 3.99 -1.63 7.36
N ALA A 49 4.61 -1.85 8.53
CA ALA A 49 6.03 -1.53 8.68
C ALA A 49 6.87 -2.30 7.66
N GLU A 50 6.63 -3.61 7.55
CA GLU A 50 7.38 -4.41 6.58
C GLU A 50 7.08 -3.97 5.16
N GLY A 51 5.83 -3.59 4.88
CA GLY A 51 5.49 -3.11 3.56
C GLY A 51 6.22 -1.82 3.19
N TYR A 52 6.34 -0.91 4.16
CA TYR A 52 6.99 0.36 3.86
C TYR A 52 8.49 0.19 3.72
N TYR A 53 9.06 -0.76 4.48
CA TYR A 53 10.46 -1.12 4.30
C TYR A 53 10.73 -1.54 2.86
N SER A 54 9.75 -2.19 2.22
CA SER A 54 9.88 -2.56 0.81
CA SER A 54 9.88 -2.57 0.82
C SER A 54 9.46 -1.44 -0.13
N GLU A 55 8.53 -0.59 0.29
CA GLU A 55 7.99 0.46 -0.58
C GLU A 55 9.05 1.50 -0.91
N VAL A 56 9.93 1.82 0.03
CA VAL A 56 10.98 2.80 -0.17
C VAL A 56 12.32 2.09 -0.11
N GLN A 57 12.71 1.45 -1.21
CA GLN A 57 13.86 0.54 -1.20
C GLN A 57 15.19 1.23 -0.95
N ASP A 58 15.29 2.55 -1.21
CA ASP A 58 16.56 3.23 -1.08
C ASP A 58 16.83 3.73 0.33
N LEU A 59 15.86 3.66 1.23
CA LEU A 59 16.12 4.10 2.60
C LEU A 59 17.11 3.19 3.33
N PRO A 60 16.94 1.86 3.37
CA PRO A 60 17.88 1.02 4.14
C PRO A 60 19.31 1.11 3.67
N PRO A 61 19.59 1.11 2.35
CA PRO A 61 20.98 1.33 1.94
C PRO A 61 21.54 2.67 2.38
N ALA A 62 20.72 3.72 2.39
CA ALA A 62 21.18 5.01 2.90
C ALA A 62 21.55 4.91 4.37
N ALA A 63 20.78 4.13 5.14
CA ALA A 63 21.14 3.91 6.54
C ALA A 63 22.46 3.16 6.65
N ASP A 64 22.68 2.16 5.81
CA ASP A 64 23.95 1.45 5.81
C ASP A 64 25.11 2.40 5.52
N GLU A 65 24.91 3.32 4.57
CA GLU A 65 26.00 4.18 4.14
C GLU A 65 26.32 5.25 5.18
N ASN A 66 25.30 5.73 5.88
CA ASN A 66 25.46 6.88 6.78
C ASN A 66 25.45 6.50 8.24
N GLY A 67 25.05 5.28 8.57
CA GLY A 67 25.06 4.86 9.97
C GLY A 67 23.98 5.47 10.82
N PHE A 68 22.83 5.84 10.23
CA PHE A 68 21.66 6.22 11.00
C PHE A 68 20.71 5.02 11.12
N ILE A 69 19.75 5.15 12.03
CA ILE A 69 18.80 4.08 12.35
C ILE A 69 17.44 4.44 11.77
N LEU A 70 16.77 3.44 11.19
CA LEU A 70 15.41 3.58 10.70
C LEU A 70 14.45 2.90 11.66
N VAL A 71 13.42 3.64 12.07
CA VAL A 71 12.32 3.10 12.87
C VAL A 71 11.09 3.09 11.97
N TYR A 72 10.49 1.92 11.80
CA TYR A 72 9.25 1.75 11.05
C TYR A 72 8.12 1.40 12.02
N PRO A 73 7.36 2.37 12.51
CA PRO A 73 6.18 2.04 13.30
C PRO A 73 5.14 1.36 12.44
N GLY A 74 4.29 0.56 13.07
CA GLY A 74 3.22 -0.14 12.36
C GLY A 74 1.91 0.01 13.08
N SER A 75 0.86 0.29 12.31
CA SER A 75 -0.50 0.36 12.84
C SER A 75 -1.31 -0.82 12.34
N ASN A 76 -1.96 -1.53 13.26
CA ASN A 76 -2.90 -2.61 12.98
CA ASN A 76 -2.91 -2.56 12.88
C ASN A 76 -4.36 -2.18 13.18
N ASP A 77 -4.60 -0.90 13.45
CA ASP A 77 -5.92 -0.38 13.76
C ASP A 77 -6.44 0.45 12.61
N ASP A 78 -7.77 0.57 12.52
CA ASP A 78 -8.44 1.53 11.65
C ASP A 78 -7.90 1.43 10.22
N PHE A 79 -8.00 0.21 9.66
CA PHE A 79 -7.56 -0.08 8.29
C PHE A 79 -6.06 0.11 8.11
N HIS A 80 -5.30 -0.11 9.18
CA HIS A 80 -3.85 0.16 9.20
C HIS A 80 -3.53 1.63 8.92
N CYS A 81 -4.34 2.53 9.45
CA CYS A 81 -4.12 3.96 9.29
C CYS A 81 -3.62 4.54 10.60
N TRP A 82 -2.86 5.64 10.49
CA TRP A 82 -2.39 6.36 11.66
C TRP A 82 -3.48 7.27 12.20
N ASP A 83 -3.58 7.33 13.52
CA ASP A 83 -4.58 8.15 14.19
C ASP A 83 -4.18 9.62 14.06
N VAL A 84 -4.91 10.37 13.22
CA VAL A 84 -4.69 11.80 13.11
C VAL A 84 -6.00 12.54 13.41
N ALA A 85 -6.84 11.92 14.22
CA ALA A 85 -8.18 12.43 14.48
C ALA A 85 -8.49 12.65 15.95
N THR A 86 -7.97 11.84 16.85
CA THR A 86 -8.34 11.97 18.26
C THR A 86 -7.50 13.05 18.94
N ALA A 87 -8.07 13.62 20.01
CA ALA A 87 -7.34 14.62 20.78
C ALA A 87 -6.04 14.05 21.30
N GLU A 88 -6.04 12.77 21.70
CA GLU A 88 -4.83 12.16 22.25
C GLU A 88 -3.70 12.16 21.23
N SER A 89 -3.97 11.63 20.03
CA SER A 89 -2.91 11.55 19.05
C SER A 89 -2.49 12.93 18.54
N LEU A 90 -3.43 13.85 18.47
CA LEU A 90 -3.15 15.17 17.91
C LEU A 90 -2.41 16.09 18.87
N THR A 91 -2.32 15.75 20.15
CA THR A 91 -1.83 16.68 21.17
C THR A 91 -0.53 16.19 21.79
N HIS A 92 0.37 17.13 22.08
CA HIS A 92 1.59 16.86 22.82
C HIS A 92 1.28 16.13 24.13
N ASP A 93 1.93 14.97 24.32
CA ASP A 93 1.74 14.11 25.49
C ASP A 93 0.32 13.55 25.61
N GLY A 94 -0.47 13.60 24.55
CA GLY A 94 -1.85 13.17 24.63
C GLY A 94 -2.03 11.66 24.70
N GLY A 95 -1.30 10.93 23.86
CA GLY A 95 -1.40 9.48 23.83
C GLY A 95 -1.55 8.92 22.44
N SER A 96 -2.20 7.76 22.34
CA SER A 96 -2.48 7.09 21.06
C SER A 96 -1.19 6.90 20.24
N ASP A 97 -1.34 6.88 18.92
CA ASP A 97 -0.25 6.49 18.04
C ASP A 97 0.93 7.44 18.14
N SER A 98 0.67 8.74 18.20
CA SER A 98 1.78 9.68 18.17
C SER A 98 2.65 9.53 19.41
N ARG A 99 2.04 9.33 20.60
CA ARG A 99 2.85 9.11 21.79
C ARG A 99 3.62 7.80 21.70
N SER A 100 2.99 6.74 21.19
CA SER A 100 3.72 5.49 20.99
C SER A 100 4.94 5.70 20.10
N ILE A 101 4.77 6.45 19.00
CA ILE A 101 5.89 6.72 18.10
C ILE A 101 7.01 7.46 18.83
N VAL A 102 6.66 8.47 19.63
CA VAL A 102 7.66 9.18 20.42
C VAL A 102 8.37 8.24 21.38
N ASN A 103 7.63 7.29 21.95
CA ASN A 103 8.26 6.33 22.85
C ASN A 103 9.20 5.40 22.11
N MET A 104 8.87 5.05 20.86
CA MET A 104 9.81 4.28 20.05
C MET A 104 11.09 5.06 19.82
N VAL A 105 10.97 6.36 19.55
CA VAL A 105 12.13 7.22 19.38
C VAL A 105 12.97 7.24 20.65
N GLN A 106 12.34 7.43 21.82
CA GLN A 106 13.08 7.51 23.06
CA GLN A 106 13.09 7.52 23.06
C GLN A 106 13.80 6.20 23.37
N TYR A 107 13.13 5.07 23.11
CA TYR A 107 13.77 3.77 23.27
C TYR A 107 15.04 3.69 22.42
N THR A 108 14.95 4.19 21.19
CA THR A 108 16.06 4.10 20.25
C THR A 108 17.20 5.03 20.66
N LEU A 109 16.88 6.27 21.00
CA LEU A 109 17.90 7.19 21.48
C LEU A 109 18.65 6.61 22.68
N ASP A 110 17.91 6.02 23.62
CA ASP A 110 18.54 5.50 24.83
C ASP A 110 19.41 4.29 24.52
N LYS A 111 18.90 3.35 23.72
CA LYS A 111 19.61 2.09 23.52
C LYS A 111 20.89 2.30 22.71
N TYR A 112 20.83 3.16 21.70
CA TYR A 112 21.95 3.33 20.78
C TYR A 112 22.72 4.62 21.02
N SER A 113 22.46 5.31 22.12
CA SER A 113 23.09 6.58 22.43
C SER A 113 22.98 7.52 21.24
N GLY A 114 21.76 7.62 20.70
CA GLY A 114 21.50 8.41 19.52
C GLY A 114 21.50 9.91 19.81
N ASP A 115 21.50 10.66 18.72
CA ASP A 115 21.56 12.12 18.76
C ASP A 115 20.14 12.67 18.79
N SER A 116 19.72 13.20 19.94
CA SER A 116 18.36 13.73 20.07
C SER A 116 18.12 14.94 19.19
N SER A 117 19.17 15.58 18.67
CA SER A 117 19.02 16.70 17.76
C SER A 117 18.82 16.26 16.31
N LYS A 118 18.90 14.96 16.04
CA LYS A 118 18.82 14.44 14.68
C LYS A 118 17.78 13.32 14.61
N VAL A 119 16.55 13.64 15.03
CA VAL A 119 15.42 12.73 14.90
C VAL A 119 14.47 13.32 13.87
N PHE A 120 14.16 12.54 12.84
CA PHE A 120 13.39 12.99 11.69
C PHE A 120 12.26 12.02 11.43
N THR A 121 11.28 12.46 10.63
CA THR A 121 10.22 11.56 10.24
C THR A 121 9.81 11.77 8.80
N THR A 122 9.49 10.68 8.11
CA THR A 122 8.98 10.74 6.75
C THR A 122 7.87 9.71 6.62
N GLY A 123 6.90 10.00 5.75
CA GLY A 123 5.80 9.07 5.59
C GLY A 123 5.02 9.37 4.33
N SER A 124 4.19 8.41 3.94
CA SER A 124 3.37 8.51 2.73
C SER A 124 1.91 8.34 3.10
N SER A 125 1.05 9.16 2.45
CA SER A 125 -0.39 9.11 2.68
CA SER A 125 -0.39 9.12 2.68
C SER A 125 -0.70 9.26 4.16
N SER A 126 -1.35 8.27 4.78
CA SER A 126 -1.60 8.35 6.21
C SER A 126 -0.33 8.63 7.00
N GLY A 127 0.79 8.02 6.58
CA GLY A 127 2.06 8.28 7.25
C GLY A 127 2.57 9.70 7.08
N ALA A 128 2.27 10.33 5.93
CA ALA A 128 2.56 11.75 5.77
C ALA A 128 1.71 12.60 6.69
N MET A 129 0.44 12.23 6.85
CA MET A 129 -0.42 12.97 7.77
CA MET A 129 -0.44 12.95 7.77
C MET A 129 0.12 12.88 9.19
N MET A 130 0.56 11.69 9.61
CA MET A 130 1.14 11.53 10.93
C MET A 130 2.46 12.29 11.05
N SER A 131 3.26 12.38 9.97
CA SER A 131 4.49 13.14 10.04
CA SER A 131 4.49 13.14 10.06
C SER A 131 4.23 14.60 10.41
N LEU A 132 3.13 15.17 9.91
CA LEU A 132 2.80 16.55 10.29
C LEU A 132 2.21 16.65 11.69
N VAL A 133 1.52 15.60 12.16
CA VAL A 133 1.13 15.52 13.57
C VAL A 133 2.35 15.53 14.48
N LEU A 134 3.36 14.72 14.14
CA LEU A 134 4.60 14.71 14.92
C LEU A 134 5.28 16.08 14.89
N ALA A 135 5.23 16.76 13.74
CA ALA A 135 5.82 18.10 13.65
C ALA A 135 5.11 19.09 14.57
N ALA A 136 3.78 19.02 14.62
CA ALA A 136 3.04 20.03 15.38
C ALA A 136 2.99 19.70 16.86
N ALA A 137 2.83 18.42 17.19
CA ALA A 137 2.64 18.02 18.58
C ALA A 137 3.95 17.72 19.27
N TYR A 138 5.00 17.32 18.53
CA TYR A 138 6.29 16.97 19.13
C TYR A 138 7.46 17.68 18.46
N PRO A 139 7.39 19.02 18.32
CA PRO A 139 8.54 19.75 17.76
C PRO A 139 9.73 19.74 18.69
N ASP A 140 9.55 19.32 19.94
CA ASP A 140 10.65 19.13 20.86
C ASP A 140 11.42 17.83 20.60
N VAL A 141 10.85 16.92 19.81
CA VAL A 141 11.48 15.65 19.50
C VAL A 141 12.05 15.64 18.09
N PHE A 142 11.28 16.16 17.13
CA PHE A 142 11.61 16.05 15.71
C PHE A 142 12.22 17.33 15.19
N SER A 143 13.26 17.19 14.37
CA SER A 143 13.95 18.32 13.78
C SER A 143 13.73 18.47 12.29
N GLY A 144 13.07 17.51 11.65
CA GLY A 144 12.74 17.63 10.24
C GLY A 144 11.70 16.61 9.84
N VAL A 145 10.84 16.95 8.88
CA VAL A 145 9.78 16.06 8.45
CA VAL A 145 9.70 16.13 8.47
C VAL A 145 9.63 16.14 6.94
N ALA A 146 9.27 15.00 6.36
CA ALA A 146 9.07 14.90 4.91
C ALA A 146 7.78 14.14 4.65
N ALA A 147 6.75 14.86 4.19
CA ALA A 147 5.39 14.34 4.08
C ALA A 147 5.05 14.17 2.60
N TYR A 148 4.85 12.92 2.18
CA TYR A 148 4.54 12.59 0.79
C TYR A 148 3.05 12.30 0.66
N SER A 149 2.33 13.19 -0.02
CA SER A 149 0.93 12.99 -0.38
C SER A 149 0.03 12.90 0.86
N GLY A 150 0.06 13.95 1.67
CA GLY A 150 -0.70 13.97 2.88
C GLY A 150 -1.76 15.06 2.94
N VAL A 151 -2.05 15.49 4.16
CA VAL A 151 -3.18 16.37 4.49
C VAL A 151 -2.69 17.32 5.57
N PRO A 152 -3.12 18.59 5.60
CA PRO A 152 -2.66 19.51 6.65
C PRO A 152 -2.99 18.99 8.04
N TYR A 153 -2.10 19.32 8.98
CA TYR A 153 -2.30 18.94 10.38
C TYR A 153 -3.64 19.46 10.88
N GLY A 154 -4.42 18.58 11.52
CA GLY A 154 -5.67 18.95 12.15
C GLY A 154 -6.89 18.89 11.26
N CYS A 155 -6.72 18.60 9.97
CA CYS A 155 -7.88 18.57 9.09
CA CYS A 155 -7.87 18.55 9.08
C CYS A 155 -8.90 17.54 9.55
N LEU A 156 -8.45 16.40 10.08
CA LEU A 156 -9.32 15.32 10.50
C LEU A 156 -9.66 15.38 11.98
N ARG A 157 -9.36 16.50 12.66
CA ARG A 157 -9.69 16.62 14.07
C ARG A 157 -11.17 16.36 14.29
N GLY A 158 -11.47 15.45 15.23
CA GLY A 158 -12.84 15.12 15.57
C GLY A 158 -13.46 14.02 14.74
N SER A 159 -12.81 13.62 13.66
CA SER A 159 -13.36 12.60 12.78
C SER A 159 -13.43 11.25 13.51
N PRO A 160 -14.44 10.43 13.19
CA PRO A 160 -14.56 9.12 13.86
C PRO A 160 -13.50 8.11 13.43
N GLY A 161 -12.67 8.41 12.45
CA GLY A 161 -11.59 7.55 12.04
C GLY A 161 -10.62 8.37 11.23
N SER A 162 -9.52 7.72 10.80
CA SER A 162 -8.48 8.39 10.05
C SER A 162 -8.23 7.77 8.68
N SER A 163 -9.09 6.84 8.24
CA SER A 163 -8.90 6.22 6.95
C SER A 163 -9.72 6.96 5.89
N PRO A 164 -9.46 6.71 4.61
N PRO A 164 -9.39 6.80 4.61
CA PRO A 164 -10.41 7.14 3.58
CA PRO A 164 -10.19 7.45 3.57
C PRO A 164 -11.76 6.43 3.69
C PRO A 164 -11.54 6.81 3.32
N PHE A 165 -11.87 5.41 4.55
N PHE A 165 -11.99 5.93 4.21
CA PHE A 165 -13.10 4.66 4.72
CA PHE A 165 -13.25 5.22 4.07
C PHE A 165 -13.79 4.89 6.06
C PHE A 165 -14.32 5.68 5.06
N THR A 166 -13.10 5.49 7.04
N THR A 166 -14.02 6.68 5.88
CA THR A 166 -13.68 5.83 8.33
CA THR A 166 -15.02 7.22 6.80
C THR A 166 -13.72 7.32 8.62
C THR A 166 -16.09 8.00 6.03
N ALA A 167 -12.79 8.09 8.07
N ALA A 167 -17.18 8.31 6.73
CA ALA A 167 -12.78 9.52 8.33
CA ALA A 167 -18.28 9.05 6.10
C ALA A 167 -13.86 10.23 7.53
C ALA A 167 -17.85 10.46 5.72
N ASP A 168 -14.31 11.37 8.05
N ASP A 168 -17.34 11.21 6.68
CA ASP A 168 -15.08 12.29 7.23
CA ASP A 168 -16.88 12.58 6.43
C ASP A 168 -14.26 12.64 6.00
C ASP A 168 -15.52 12.50 5.74
N GLN A 169 -14.87 12.49 4.82
N GLN A 169 -15.52 12.59 4.41
CA GLN A 169 -14.12 12.56 3.58
CA GLN A 169 -14.31 12.57 3.62
C GLN A 169 -13.94 13.96 3.03
C GLN A 169 -13.96 13.94 3.05
N ALA A 170 -14.41 15.00 3.73
CA ALA A 170 -14.21 16.36 3.23
C ALA A 170 -12.73 16.67 2.99
N CYS A 171 -11.86 16.23 3.90
CA CYS A 171 -10.43 16.52 3.74
CA CYS A 171 -10.45 16.53 3.72
C CYS A 171 -9.85 15.81 2.53
N ALA A 172 -10.07 14.49 2.43
CA ALA A 172 -9.50 13.76 1.31
C ALA A 172 -10.09 14.20 -0.02
N ASN A 173 -11.36 14.63 -0.01
CA ASN A 173 -11.99 15.10 -1.23
C ASN A 173 -11.56 16.51 -1.63
N GLY A 174 -10.75 17.19 -0.81
CA GLY A 174 -10.29 18.53 -1.14
C GLY A 174 -11.30 19.62 -0.89
N GLU A 175 -12.29 19.37 -0.04
N GLU A 175 -12.31 19.37 -0.05
CA GLU A 175 -13.37 20.32 0.23
CA GLU A 175 -13.35 20.34 0.21
C GLU A 175 -13.07 21.23 1.41
C GLU A 175 -13.17 21.08 1.53
N VAL A 176 -12.02 20.96 2.17
CA VAL A 176 -11.70 21.72 3.36
C VAL A 176 -10.70 22.80 2.95
N SER A 177 -11.12 24.06 3.03
CA SER A 177 -10.22 25.19 2.82
C SER A 177 -10.33 26.09 4.04
N ARG A 178 -9.21 26.31 4.71
CA ARG A 178 -9.15 27.20 5.86
C ARG A 178 -8.09 28.26 5.58
N THR A 179 -8.17 29.37 6.30
CA THR A 179 -7.19 30.41 6.08
C THR A 179 -5.83 29.97 6.64
N ALA A 180 -4.78 30.64 6.15
CA ALA A 180 -3.44 30.34 6.68
C ALA A 180 -3.41 30.54 8.18
N GLN A 181 -4.04 31.60 8.69
CA GLN A 181 -4.09 31.82 10.13
C GLN A 181 -4.80 30.68 10.84
N GLU A 182 -5.94 30.24 10.30
CA GLU A 182 -6.65 29.12 10.91
C GLU A 182 -5.78 27.87 10.95
N TRP A 183 -5.04 27.60 9.88
CA TRP A 183 -4.18 26.41 9.89
C TRP A 183 -3.01 26.57 10.87
N LYS A 184 -2.50 27.81 11.05
CA LYS A 184 -1.48 28.06 12.05
C LYS A 184 -2.02 27.86 13.45
N ASP A 185 -3.24 28.34 13.70
CA ASP A 185 -3.85 28.15 15.00
C ASP A 185 -4.13 26.67 15.26
N GLU A 186 -4.42 25.90 14.21
CA GLU A 186 -4.53 24.46 14.37
CA GLU A 186 -4.53 24.46 14.36
C GLU A 186 -3.23 23.87 14.90
N VAL A 187 -2.10 24.23 14.28
CA VAL A 187 -0.80 23.74 14.74
C VAL A 187 -0.57 24.13 16.20
N LYS A 188 -0.94 25.36 16.57
CA LYS A 188 -0.77 25.77 17.96
C LYS A 188 -1.60 24.91 18.92
N MET A 189 -2.78 24.46 18.47
CA MET A 189 -3.62 23.60 19.30
CA MET A 189 -3.60 23.62 19.33
C MET A 189 -2.95 22.27 19.64
N ALA A 190 -1.97 21.85 18.85
CA ALA A 190 -1.29 20.60 19.13
C ALA A 190 -0.53 20.66 20.45
N TRP A 191 -0.14 21.85 20.88
CA TRP A 191 0.63 22.02 22.11
C TRP A 191 0.32 23.40 22.67
N PRO A 192 -0.82 23.53 23.36
CA PRO A 192 -1.27 24.86 23.77
C PRO A 192 -0.23 25.56 24.63
N GLY A 193 0.02 26.83 24.31
CA GLY A 193 0.98 27.62 25.03
C GLY A 193 2.40 27.45 24.55
N TYR A 194 2.67 26.47 23.70
CA TYR A 194 4.01 26.31 23.14
C TYR A 194 4.25 27.40 22.11
N ASN A 195 5.34 28.11 22.29
CA ASN A 195 5.73 29.24 21.48
C ASN A 195 7.14 29.04 20.95
N GLY A 196 7.47 27.81 20.54
CA GLY A 196 8.81 27.45 20.20
C GLY A 196 9.03 27.21 18.73
N THR A 197 10.08 26.45 18.43
CA THR A 197 10.46 26.10 17.06
C THR A 197 9.55 25.00 16.52
N TYR A 198 9.56 24.87 15.21
CA TYR A 198 8.98 23.70 14.55
C TYR A 198 10.02 23.09 13.62
N PRO A 199 9.98 21.78 13.43
CA PRO A 199 10.96 21.12 12.55
C PRO A 199 10.80 21.59 11.12
N LYS A 200 11.89 21.52 10.36
CA LYS A 200 11.78 21.89 8.96
CA LYS A 200 11.85 21.84 8.93
C LYS A 200 10.86 20.91 8.24
N VAL A 201 9.98 21.46 7.42
CA VAL A 201 8.89 20.69 6.80
C VAL A 201 9.07 20.66 5.30
N GLN A 202 9.03 19.46 4.73
CA GLN A 202 9.08 19.24 3.30
C GLN A 202 7.81 18.48 2.92
N VAL A 203 7.04 19.02 1.95
CA VAL A 203 5.80 18.38 1.52
C VAL A 203 5.84 18.11 0.03
N TRP A 204 5.15 17.05 -0.39
CA TRP A 204 5.10 16.62 -1.78
C TRP A 204 3.68 16.21 -2.10
N HIS A 205 3.23 16.50 -3.33
CA HIS A 205 1.93 16.00 -3.76
C HIS A 205 1.93 15.87 -5.28
N GLY A 206 1.06 14.98 -5.77
CA GLY A 206 0.88 14.79 -7.20
C GLY A 206 -0.40 15.42 -7.67
N THR A 207 -0.35 16.04 -8.87
CA THR A 207 -1.51 16.76 -9.38
C THR A 207 -2.66 15.83 -9.77
N ALA A 208 -2.40 14.53 -9.95
CA ALA A 208 -3.41 13.59 -10.41
C ALA A 208 -3.92 12.66 -9.32
N ASP A 209 -3.59 12.96 -8.06
CA ASP A 209 -3.95 12.10 -6.94
C ASP A 209 -5.48 11.98 -6.81
N SER A 210 -6.00 10.77 -6.96
CA SER A 210 -7.44 10.52 -6.88
C SER A 210 -7.90 10.14 -5.47
N VAL A 211 -6.97 9.88 -4.56
CA VAL A 211 -7.29 9.46 -3.20
C VAL A 211 -7.30 10.65 -2.25
N ILE A 212 -6.23 11.44 -2.25
CA ILE A 212 -6.10 12.64 -1.44
CA ILE A 212 -6.12 12.64 -1.45
C ILE A 212 -6.00 13.80 -2.42
N SER A 213 -7.01 14.65 -2.47
CA SER A 213 -7.07 15.71 -3.45
C SER A 213 -5.82 16.59 -3.37
N PRO A 214 -5.26 17.00 -4.51
CA PRO A 214 -4.14 17.95 -4.48
C PRO A 214 -4.49 19.30 -3.87
N ASN A 215 -5.78 19.61 -3.67
CA ASN A 215 -6.12 20.80 -2.90
C ASN A 215 -5.44 20.77 -1.55
N ASN A 216 -5.20 19.58 -1.00
CA ASN A 216 -4.54 19.47 0.30
C ASN A 216 -3.11 20.01 0.26
N PHE A 217 -2.46 19.96 -0.90
CA PHE A 217 -1.13 20.57 -1.05
C PHE A 217 -1.22 22.07 -0.82
N ASP A 218 -2.21 22.72 -1.41
CA ASP A 218 -2.40 24.15 -1.20
C ASP A 218 -2.66 24.46 0.26
N GLU A 219 -3.43 23.61 0.94
CA GLU A 219 -3.73 23.87 2.35
C GLU A 219 -2.50 23.65 3.22
N GLU A 220 -1.70 22.63 2.93
CA GLU A 220 -0.45 22.42 3.65
C GLU A 220 0.49 23.60 3.45
N VAL A 221 0.54 24.16 2.24
CA VAL A 221 1.40 25.31 1.98
C VAL A 221 0.93 26.51 2.81
N LYS A 222 -0.38 26.74 2.86
CA LYS A 222 -0.90 27.81 3.71
C LYS A 222 -0.50 27.58 5.16
N GLN A 223 -0.66 26.34 5.64
CA GLN A 223 -0.39 26.03 7.03
C GLN A 223 1.05 26.35 7.41
N TRP A 224 2.02 25.79 6.66
CA TRP A 224 3.40 25.91 7.11
C TRP A 224 4.03 27.24 6.72
N SER A 225 3.56 27.88 5.64
N SER A 225 3.56 27.86 5.61
CA SER A 225 4.02 29.23 5.38
CA SER A 225 3.93 29.24 5.34
C SER A 225 3.55 30.19 6.49
C SER A 225 3.58 30.12 6.53
N ALA A 226 2.37 29.94 7.07
CA ALA A 226 1.93 30.77 8.19
C ALA A 226 2.72 30.46 9.45
N VAL A 227 2.93 29.17 9.76
CA VAL A 227 3.71 28.81 10.95
C VAL A 227 5.08 29.48 10.93
N PHE A 228 5.77 29.42 9.79
CA PHE A 228 7.11 29.97 9.69
C PHE A 228 7.15 31.43 9.25
N GLY A 229 6.02 32.00 8.84
CA GLY A 229 6.00 33.39 8.38
C GLY A 229 6.79 33.65 7.12
N VAL A 230 6.71 32.75 6.15
CA VAL A 230 7.51 32.81 4.94
C VAL A 230 6.60 32.79 3.71
N ASN A 231 7.14 33.27 2.59
CA ASN A 231 6.47 33.19 1.30
CA ASN A 231 6.48 33.20 1.30
C ASN A 231 7.43 32.57 0.28
N VAL A 232 6.88 32.23 -0.89
CA VAL A 232 7.72 31.64 -1.93
C VAL A 232 8.74 32.67 -2.40
N THR A 233 10.01 32.28 -2.40
CA THR A 233 11.07 33.13 -2.90
C THR A 233 11.67 32.62 -4.19
N LYS A 234 11.51 31.34 -4.50
CA LYS A 234 12.05 30.78 -5.73
C LYS A 234 11.26 29.53 -6.11
N GLU A 235 11.18 29.30 -7.40
CA GLU A 235 10.56 28.11 -7.96
C GLU A 235 11.57 27.47 -8.90
N GLU A 236 11.77 26.16 -8.77
CA GLU A 236 12.65 25.40 -9.65
C GLU A 236 11.82 24.36 -10.39
N GLN A 237 11.87 24.39 -11.71
CA GLN A 237 11.18 23.41 -12.51
CA GLN A 237 11.17 23.39 -12.49
C GLN A 237 11.98 22.11 -12.57
N ASP A 238 11.27 21.00 -12.72
CA ASP A 238 11.88 19.68 -12.95
C ASP A 238 12.92 19.35 -11.88
N SER A 239 12.54 19.59 -10.63
CA SER A 239 13.46 19.48 -9.50
C SER A 239 12.74 18.69 -8.42
N PRO A 240 13.16 17.45 -8.11
CA PRO A 240 14.36 16.73 -8.59
C PRO A 240 14.15 15.94 -9.87
N LEU A 241 12.91 15.80 -10.33
CA LEU A 241 12.60 15.00 -11.51
C LEU A 241 11.70 15.80 -12.43
N ASP A 242 11.63 15.37 -13.68
CA ASP A 242 10.80 16.03 -14.68
CA ASP A 242 10.81 16.04 -14.68
C ASP A 242 9.39 16.19 -14.16
N GLY A 243 8.85 17.40 -14.26
CA GLY A 243 7.50 17.69 -13.84
C GLY A 243 7.33 18.02 -12.37
N TYR A 244 8.37 17.87 -11.56
CA TYR A 244 8.31 18.26 -10.15
C TYR A 244 8.66 19.74 -10.05
N THR A 245 7.71 20.54 -9.58
CA THR A 245 7.96 21.96 -9.34
C THR A 245 8.28 22.17 -7.86
N ARG A 246 9.48 22.63 -7.57
CA ARG A 246 9.94 22.85 -6.21
C ARG A 246 9.72 24.32 -5.85
N SER A 247 8.96 24.54 -4.78
CA SER A 247 8.74 25.88 -4.24
C SER A 247 9.60 26.05 -2.99
N ILE A 248 10.49 27.02 -3.04
CA ILE A 248 11.39 27.33 -1.94
C ILE A 248 10.84 28.57 -1.24
N PHE A 249 10.69 28.48 0.08
CA PHE A 249 10.08 29.54 0.88
C PHE A 249 11.16 30.22 1.71
N GLY A 250 11.05 31.55 1.82
CA GLY A 250 12.00 32.30 2.64
C GLY A 250 13.43 32.02 2.21
N ASP A 251 14.32 31.83 3.19
CA ASP A 251 15.69 31.47 2.90
C ASP A 251 15.90 29.97 2.67
N GLY A 252 14.81 29.20 2.61
CA GLY A 252 14.89 27.78 2.32
C GLY A 252 15.18 26.89 3.51
N SER A 253 15.30 27.43 4.72
CA SER A 253 15.72 26.63 5.86
C SER A 253 14.57 26.05 6.69
N HIS A 254 13.32 26.41 6.39
CA HIS A 254 12.19 25.92 7.19
C HIS A 254 11.15 25.15 6.40
N PHE A 255 10.85 25.54 5.17
CA PHE A 255 9.74 24.93 4.45
C PHE A 255 10.01 24.92 2.95
N GLU A 256 9.78 23.76 2.34
CA GLU A 256 9.82 23.62 0.88
C GLU A 256 8.75 22.63 0.46
N ALA A 257 8.31 22.76 -0.78
CA ALA A 257 7.14 22.02 -1.25
C ALA A 257 7.33 21.62 -2.71
N TYR A 258 6.89 20.42 -3.06
CA TYR A 258 7.04 19.89 -4.41
C TYR A 258 5.68 19.45 -4.94
N LEU A 259 5.31 19.96 -6.12
CA LEU A 259 4.07 19.56 -6.79
C LEU A 259 4.45 18.85 -8.07
N ALA A 260 4.08 17.58 -8.18
CA ALA A 260 4.54 16.70 -9.25
C ALA A 260 3.44 16.54 -10.30
N GLU A 261 3.68 17.11 -11.47
CA GLU A 261 2.69 17.09 -12.54
C GLU A 261 2.44 15.65 -13.03
N GLY A 262 1.17 15.26 -13.07
CA GLY A 262 0.77 13.98 -13.60
C GLY A 262 0.92 12.81 -12.65
N VAL A 263 1.49 13.02 -11.48
CA VAL A 263 1.70 11.95 -10.51
C VAL A 263 0.43 11.80 -9.68
N GLY A 264 0.11 10.57 -9.32
CA GLY A 264 -1.05 10.35 -8.48
C GLY A 264 -0.72 9.96 -7.05
N HIS A 265 -1.60 9.19 -6.44
CA HIS A 265 -1.37 8.71 -5.09
C HIS A 265 -0.44 7.51 -5.14
N VAL A 266 0.75 7.62 -4.55
CA VAL A 266 1.40 8.70 -3.84
C VAL A 266 2.62 9.16 -4.61
N VAL A 267 3.18 10.31 -4.24
CA VAL A 267 4.47 10.72 -4.79
C VAL A 267 5.53 9.76 -4.27
N PRO A 268 6.31 9.11 -5.13
CA PRO A 268 7.34 8.20 -4.63
C PRO A 268 8.40 8.99 -3.86
N THR A 269 8.92 8.36 -2.81
CA THR A 269 9.90 9.03 -1.96
C THR A 269 11.19 9.27 -2.72
N GLN A 270 11.67 10.51 -2.66
CA GLN A 270 12.94 10.92 -3.27
C GLN A 270 13.95 10.97 -2.13
N VAL A 271 14.64 9.85 -1.92
CA VAL A 271 15.42 9.68 -0.69
C VAL A 271 16.50 10.75 -0.56
N ASP A 272 17.20 11.07 -1.65
CA ASP A 272 18.27 12.05 -1.52
C ASP A 272 17.74 13.45 -1.23
N SER A 273 16.59 13.83 -1.83
CA SER A 273 16.00 15.13 -1.51
C SER A 273 15.61 15.20 -0.04
N THR A 274 15.09 14.10 0.50
CA THR A 274 14.67 14.08 1.88
C THR A 274 15.86 14.03 2.84
N LEU A 275 16.90 13.24 2.51
CA LEU A 275 18.08 13.19 3.38
C LEU A 275 18.83 14.52 3.37
N ARG A 276 18.89 15.19 2.21
CA ARG A 276 19.50 16.52 2.19
C ARG A 276 18.72 17.48 3.06
N TRP A 277 17.39 17.43 2.99
CA TRP A 277 16.54 18.26 3.83
C TRP A 277 16.82 18.03 5.31
N PHE A 278 17.02 16.77 5.70
CA PHE A 278 17.32 16.45 7.08
C PHE A 278 18.76 16.77 7.45
N GLY A 279 19.60 17.14 6.49
CA GLY A 279 20.99 17.42 6.77
C GLY A 279 21.86 16.21 6.96
N LEU A 280 21.36 15.01 6.63
CA LEU A 280 22.11 13.79 6.85
C LEU A 280 23.09 13.51 5.73
N ILE A 281 22.85 14.07 4.54
CA ILE A 281 23.84 14.08 3.47
C ILE A 281 23.90 15.51 2.93
N HIS B 4 25.28 -2.61 -19.02
CA HIS B 4 24.95 -3.16 -17.71
C HIS B 4 23.57 -2.69 -17.25
N HIS B 5 22.83 -2.03 -18.14
CA HIS B 5 21.52 -1.50 -17.78
C HIS B 5 20.52 -2.63 -17.55
N HIS B 6 19.84 -2.61 -16.41
CA HIS B 6 18.91 -3.65 -16.05
C HIS B 6 17.52 -3.32 -16.57
N ALA B 7 16.73 -4.37 -16.81
CA ALA B 7 15.34 -4.20 -17.22
C ALA B 7 14.58 -3.42 -16.15
N THR B 8 13.57 -2.68 -16.60
CA THR B 8 12.81 -1.80 -15.72
C THR B 8 11.32 -1.90 -16.03
N LEU B 9 10.50 -1.51 -15.06
CA LEU B 9 9.05 -1.43 -15.27
C LEU B 9 8.73 -0.25 -16.18
N SER B 10 7.90 -0.48 -17.20
CA SER B 10 7.57 0.53 -18.20
C SER B 10 6.06 0.55 -18.44
N GLN B 11 5.52 1.75 -18.62
CA GLN B 11 4.07 1.87 -18.86
C GLN B 11 3.74 1.68 -20.34
N VAL B 12 2.66 0.95 -20.60
CA VAL B 12 2.15 0.72 -21.96
C VAL B 12 0.93 1.62 -22.13
N LEU B 13 1.05 2.63 -23.00
CA LEU B 13 0.00 3.64 -23.08
C LEU B 13 -1.19 3.20 -23.91
N ASP B 14 -0.98 2.30 -24.88
CA ASP B 14 -2.07 1.82 -25.72
CA ASP B 14 -2.07 1.81 -25.72
C ASP B 14 -1.92 0.31 -25.87
N PHE B 15 -2.82 -0.44 -25.22
CA PHE B 15 -2.82 -1.90 -25.30
C PHE B 15 -4.10 -2.44 -25.92
N GLY B 16 -4.92 -1.60 -26.51
CA GLY B 16 -6.22 -2.00 -27.03
C GLY B 16 -7.36 -1.36 -26.25
N ASN B 17 -8.53 -1.99 -26.36
CA ASN B 17 -9.70 -1.47 -25.67
CA ASN B 17 -9.71 -1.48 -25.67
C ASN B 17 -9.50 -1.51 -24.16
N ASN B 18 -9.91 -0.44 -23.50
CA ASN B 18 -9.63 -0.25 -22.07
C ASN B 18 -10.92 0.18 -21.36
N PRO B 19 -11.91 -0.71 -21.26
CA PRO B 19 -13.18 -0.30 -20.65
C PRO B 19 -13.08 0.04 -19.17
N GLY B 20 -12.09 -0.49 -18.46
CA GLY B 20 -11.88 -0.12 -17.08
C GLY B 20 -11.13 1.18 -16.86
N ASP B 21 -10.59 1.77 -17.93
CA ASP B 21 -9.77 2.98 -17.84
C ASP B 21 -8.57 2.79 -16.93
N ASN B 22 -7.92 1.64 -17.08
CA ASN B 22 -6.82 1.22 -16.23
C ASN B 22 -5.47 1.56 -16.88
N GLU B 23 -4.42 1.53 -16.07
CA GLU B 23 -3.07 1.62 -16.57
C GLU B 23 -2.51 0.22 -16.78
N MET B 24 -1.55 0.11 -17.70
CA MET B 24 -0.81 -1.13 -17.88
C MET B 24 0.68 -0.84 -17.76
N TRP B 25 1.35 -1.57 -16.89
CA TRP B 25 2.80 -1.51 -16.77
C TRP B 25 3.35 -2.91 -16.99
N ILE B 26 4.56 -3.00 -17.51
CA ILE B 26 5.11 -4.28 -17.92
C ILE B 26 6.58 -4.35 -17.54
N TYR B 27 7.01 -5.53 -17.10
CA TYR B 27 8.41 -5.82 -16.81
C TYR B 27 8.81 -7.00 -17.68
N VAL B 28 9.64 -6.73 -18.68
CA VAL B 28 10.12 -7.76 -19.60
C VAL B 28 11.58 -8.01 -19.28
N PRO B 29 11.95 -9.23 -18.87
CA PRO B 29 13.36 -9.51 -18.58
C PRO B 29 14.20 -9.48 -19.84
N ASP B 30 15.51 -9.28 -19.65
CA ASP B 30 16.44 -9.18 -20.78
C ASP B 30 16.52 -10.49 -21.55
N GLN B 31 16.45 -11.62 -20.86
CA GLN B 31 16.50 -12.92 -21.51
C GLN B 31 15.13 -13.57 -21.34
N LEU B 32 14.34 -13.55 -22.40
CA LEU B 32 13.02 -14.16 -22.38
C LEU B 32 13.12 -15.63 -22.73
N ALA B 33 12.23 -16.42 -22.15
CA ALA B 33 12.09 -17.80 -22.57
C ALA B 33 11.48 -17.84 -23.98
N ALA B 34 11.68 -18.96 -24.66
CA ALA B 34 10.92 -19.21 -25.89
C ALA B 34 9.46 -19.48 -25.51
N ASN B 35 8.55 -18.79 -26.17
CA ASN B 35 7.13 -18.83 -25.84
C ASN B 35 6.94 -18.50 -24.36
N PRO B 36 7.19 -17.25 -23.97
CA PRO B 36 7.24 -16.92 -22.54
C PRO B 36 5.86 -16.98 -21.89
N ALA B 37 5.86 -17.36 -20.62
CA ALA B 37 4.69 -17.23 -19.78
C ALA B 37 4.46 -15.77 -19.40
N VAL B 38 3.24 -15.48 -18.96
CA VAL B 38 2.84 -14.14 -18.52
C VAL B 38 2.21 -14.26 -17.14
N ILE B 39 2.70 -13.48 -16.18
CA ILE B 39 2.09 -13.38 -14.86
C ILE B 39 1.55 -11.98 -14.67
N VAL B 40 0.24 -11.89 -14.40
CA VAL B 40 -0.43 -10.63 -14.10
C VAL B 40 -0.40 -10.46 -12.59
N ALA B 41 0.25 -9.40 -12.12
CA ALA B 41 0.42 -9.13 -10.69
C ALA B 41 -0.42 -7.93 -10.32
N LEU B 42 -1.36 -8.11 -9.38
CA LEU B 42 -2.44 -7.16 -9.13
C LEU B 42 -2.32 -6.54 -7.74
N HIS B 43 -2.15 -5.22 -7.70
CA HIS B 43 -2.02 -4.47 -6.45
C HIS B 43 -3.36 -4.39 -5.70
N GLY B 44 -3.28 -3.96 -4.44
CA GLY B 44 -4.44 -3.78 -3.61
C GLY B 44 -4.93 -2.34 -3.56
N CYS B 45 -6.02 -2.13 -2.81
CA CYS B 45 -6.57 -0.80 -2.64
C CYS B 45 -5.50 0.17 -2.15
N LEU B 46 -5.62 1.42 -2.60
CA LEU B 46 -4.72 2.51 -2.28
C LEU B 46 -3.33 2.34 -2.88
N GLY B 47 -3.10 1.24 -3.61
CA GLY B 47 -1.82 0.97 -4.21
C GLY B 47 -1.76 1.37 -5.67
N SER B 48 -0.78 0.82 -6.38
CA SER B 48 -0.54 1.16 -7.77
C SER B 48 0.30 0.06 -8.40
N ALA B 49 0.38 0.09 -9.73
CA ALA B 49 1.22 -0.86 -10.45
C ALA B 49 2.68 -0.72 -10.02
N GLU B 50 3.20 0.52 -10.03
CA GLU B 50 4.57 0.74 -9.58
C GLU B 50 4.75 0.39 -8.12
N GLY B 51 3.71 0.64 -7.31
CA GLY B 51 3.79 0.28 -5.90
C GLY B 51 3.90 -1.22 -5.68
N TYR B 52 3.14 -1.99 -6.47
CA TYR B 52 3.16 -3.44 -6.31
C TYR B 52 4.46 -4.03 -6.85
N TYR B 53 5.00 -3.42 -7.92
CA TYR B 53 6.33 -3.79 -8.40
C TYR B 53 7.37 -3.70 -7.28
N SER B 54 7.24 -2.71 -6.40
CA SER B 54 8.14 -2.61 -5.26
C SER B 54 7.69 -3.47 -4.08
N GLU B 55 6.39 -3.70 -3.94
CA GLU B 55 5.85 -4.43 -2.78
C GLU B 55 6.32 -5.89 -2.77
N VAL B 56 6.37 -6.52 -3.93
CA VAL B 56 6.82 -7.91 -4.03
C VAL B 56 8.20 -7.94 -4.69
N GLN B 57 9.25 -7.70 -3.89
CA GLN B 57 10.58 -7.49 -4.44
C GLN B 57 11.14 -8.72 -5.13
N ASP B 58 10.70 -9.92 -4.77
CA ASP B 58 11.23 -11.15 -5.33
CA ASP B 58 11.28 -11.11 -5.37
C ASP B 58 10.64 -11.52 -6.68
N LEU B 59 9.57 -10.84 -7.11
CA LEU B 59 8.96 -11.19 -8.40
C LEU B 59 9.84 -10.82 -9.58
N PRO B 60 10.33 -9.59 -9.72
CA PRO B 60 11.12 -9.25 -10.92
C PRO B 60 12.39 -10.07 -11.05
N PRO B 61 13.14 -10.33 -9.96
CA PRO B 61 14.30 -11.22 -10.12
C PRO B 61 13.95 -12.63 -10.57
N ALA B 62 12.77 -13.13 -10.18
CA ALA B 62 12.33 -14.42 -10.69
C ALA B 62 12.02 -14.36 -12.18
N ALA B 63 11.47 -13.23 -12.64
CA ALA B 63 11.27 -13.06 -14.08
C ALA B 63 12.62 -13.02 -14.79
N ASP B 64 13.59 -12.31 -14.23
CA ASP B 64 14.93 -12.29 -14.80
C ASP B 64 15.48 -13.70 -14.95
N GLU B 65 15.29 -14.54 -13.93
CA GLU B 65 15.95 -15.85 -13.92
C GLU B 65 15.22 -16.85 -14.81
N ASN B 66 13.89 -16.77 -14.87
CA ASN B 66 13.09 -17.79 -15.52
C ASN B 66 12.55 -17.37 -16.88
N GLY B 67 12.69 -16.10 -17.25
CA GLY B 67 12.33 -15.66 -18.59
C GLY B 67 10.85 -15.47 -18.85
N PHE B 68 10.05 -15.24 -17.81
CA PHE B 68 8.64 -14.91 -18.01
C PHE B 68 8.42 -13.41 -17.90
N ILE B 69 7.26 -12.96 -18.38
CA ILE B 69 6.89 -11.55 -18.41
C ILE B 69 5.95 -11.25 -17.26
N LEU B 70 6.14 -10.10 -16.62
CA LEU B 70 5.24 -9.62 -15.58
C LEU B 70 4.42 -8.45 -16.13
N VAL B 71 3.10 -8.54 -16.00
CA VAL B 71 2.19 -7.43 -16.32
C VAL B 71 1.60 -6.94 -15.01
N TYR B 72 1.72 -5.62 -14.76
CA TYR B 72 1.18 -4.99 -13.56
C TYR B 72 0.06 -4.04 -13.99
N PRO B 73 -1.19 -4.46 -13.99
CA PRO B 73 -2.29 -3.53 -14.26
C PRO B 73 -2.39 -2.53 -13.12
N GLY B 74 -2.90 -1.34 -13.45
CA GLY B 74 -3.05 -0.32 -12.44
C GLY B 74 -4.44 0.28 -12.40
N SER B 75 -5.03 0.37 -11.21
CA SER B 75 -6.29 1.04 -10.98
C SER B 75 -5.98 2.42 -10.40
N ASN B 76 -6.42 3.48 -11.08
CA ASN B 76 -5.95 4.82 -10.74
C ASN B 76 -7.08 5.82 -10.51
N ASP B 77 -8.29 5.35 -10.24
CA ASP B 77 -9.37 6.25 -9.85
C ASP B 77 -9.93 5.83 -8.50
N ASP B 78 -10.67 6.75 -7.87
CA ASP B 78 -11.30 6.50 -6.57
C ASP B 78 -10.22 6.01 -5.61
N PHE B 79 -10.41 4.87 -4.95
CA PHE B 79 -9.46 4.36 -3.96
C PHE B 79 -8.42 3.42 -4.55
N HIS B 80 -8.34 3.29 -5.87
CA HIS B 80 -7.44 2.35 -6.54
C HIS B 80 -7.77 0.90 -6.20
N CYS B 81 -9.06 0.59 -6.00
CA CYS B 81 -9.50 -0.78 -5.77
C CYS B 81 -10.02 -1.38 -7.06
N TRP B 82 -9.65 -2.64 -7.32
CA TRP B 82 -10.19 -3.35 -8.47
C TRP B 82 -11.70 -3.52 -8.37
N ASP B 83 -12.39 -3.37 -9.49
CA ASP B 83 -13.84 -3.53 -9.53
C ASP B 83 -14.18 -5.02 -9.43
N VAL B 84 -14.71 -5.43 -8.29
CA VAL B 84 -15.17 -6.81 -8.10
C VAL B 84 -16.65 -6.79 -7.71
N ALA B 85 -17.38 -5.78 -8.18
CA ALA B 85 -18.76 -5.58 -7.77
C ALA B 85 -19.74 -5.45 -8.92
N THR B 86 -19.36 -4.80 -10.02
CA THR B 86 -20.33 -4.58 -11.09
C THR B 86 -20.55 -5.85 -11.91
N ALA B 87 -21.73 -5.91 -12.52
CA ALA B 87 -22.02 -7.02 -13.42
C ALA B 87 -20.98 -7.10 -14.53
N GLU B 88 -20.53 -5.95 -15.04
CA GLU B 88 -19.55 -5.94 -16.14
C GLU B 88 -18.26 -6.62 -15.72
N SER B 89 -17.67 -6.20 -14.60
CA SER B 89 -16.39 -6.75 -14.21
C SER B 89 -16.49 -8.21 -13.79
N LEU B 90 -17.62 -8.60 -13.22
CA LEU B 90 -17.77 -9.96 -12.70
C LEU B 90 -18.11 -10.99 -13.77
N THR B 91 -18.44 -10.57 -14.99
CA THR B 91 -18.99 -11.47 -16.00
C THR B 91 -18.03 -11.58 -17.18
N HIS B 92 -17.94 -12.79 -17.73
CA HIS B 92 -17.18 -13.00 -18.96
C HIS B 92 -17.61 -12.02 -20.04
N ASP B 93 -16.62 -11.31 -20.61
CA ASP B 93 -16.84 -10.32 -21.67
CA ASP B 93 -16.82 -10.30 -21.66
C ASP B 93 -17.73 -9.16 -21.22
N GLY B 94 -17.90 -8.97 -19.91
CA GLY B 94 -18.79 -7.92 -19.44
C GLY B 94 -18.21 -6.52 -19.59
N GLY B 95 -16.94 -6.36 -19.24
CA GLY B 95 -16.32 -5.04 -19.33
C GLY B 95 -15.55 -4.66 -18.08
N SER B 96 -15.42 -3.35 -17.84
CA SER B 96 -14.75 -2.81 -16.65
C SER B 96 -13.33 -3.36 -16.53
N ASP B 97 -12.84 -3.48 -15.28
CA ASP B 97 -11.44 -3.76 -15.03
C ASP B 97 -11.03 -5.14 -15.54
N SER B 98 -11.87 -6.15 -15.33
CA SER B 98 -11.47 -7.49 -15.71
C SER B 98 -11.29 -7.60 -17.22
N ARG B 99 -12.16 -6.96 -17.99
CA ARG B 99 -12.00 -6.98 -19.44
C ARG B 99 -10.73 -6.25 -19.86
N SER B 100 -10.44 -5.11 -19.23
CA SER B 100 -9.19 -4.41 -19.54
C SER B 100 -7.98 -5.29 -19.28
N ILE B 101 -7.98 -6.00 -18.14
CA ILE B 101 -6.84 -6.86 -17.80
C ILE B 101 -6.68 -7.97 -18.83
N VAL B 102 -7.79 -8.58 -19.26
CA VAL B 102 -7.71 -9.60 -20.31
C VAL B 102 -7.15 -9.00 -21.59
N ASN B 103 -7.50 -7.75 -21.90
CA ASN B 103 -6.94 -7.12 -23.09
C ASN B 103 -5.45 -6.88 -22.94
N MET B 104 -5.00 -6.52 -21.72
CA MET B 104 -3.57 -6.39 -21.49
C MET B 104 -2.86 -7.71 -21.73
N VAL B 105 -3.47 -8.81 -21.28
CA VAL B 105 -2.91 -10.14 -21.53
C VAL B 105 -2.82 -10.41 -23.03
N GLN B 106 -3.90 -10.15 -23.78
CA GLN B 106 -3.88 -10.42 -25.21
C GLN B 106 -2.81 -9.60 -25.91
N TYR B 107 -2.69 -8.31 -25.55
CA TYR B 107 -1.63 -7.47 -26.09
C TYR B 107 -0.26 -8.10 -25.86
N THR B 108 -0.03 -8.62 -24.65
CA THR B 108 1.28 -9.16 -24.30
C THR B 108 1.56 -10.46 -25.05
N LEU B 109 0.57 -11.36 -25.08
CA LEU B 109 0.75 -12.60 -25.83
C LEU B 109 1.09 -12.33 -27.28
N ASP B 110 0.37 -11.40 -27.91
CA ASP B 110 0.61 -11.09 -29.32
C ASP B 110 1.98 -10.44 -29.53
N LYS B 111 2.33 -9.48 -28.68
CA LYS B 111 3.55 -8.70 -28.92
C LYS B 111 4.80 -9.54 -28.71
N TYR B 112 4.79 -10.41 -27.69
CA TYR B 112 5.96 -11.19 -27.31
C TYR B 112 5.84 -12.65 -27.72
N SER B 113 4.84 -13.00 -28.53
CA SER B 113 4.61 -14.38 -28.93
C SER B 113 4.59 -15.31 -27.72
N GLY B 114 3.81 -14.91 -26.72
CA GLY B 114 3.74 -15.67 -25.49
C GLY B 114 2.93 -16.95 -25.62
N ASP B 115 3.07 -17.78 -24.59
CA ASP B 115 2.36 -19.06 -24.51
C ASP B 115 0.99 -18.81 -23.89
N SER B 116 -0.06 -18.88 -24.72
CA SER B 116 -1.40 -18.61 -24.20
C SER B 116 -1.82 -19.61 -23.13
N SER B 117 -1.18 -20.78 -23.07
CA SER B 117 -1.49 -21.77 -22.05
CA SER B 117 -1.50 -21.76 -22.04
C SER B 117 -0.81 -21.48 -20.72
N LYS B 118 0.04 -20.45 -20.66
CA LYS B 118 0.82 -20.13 -19.46
CA LYS B 118 0.81 -20.15 -19.45
C LYS B 118 0.59 -18.68 -19.05
N VAL B 119 -0.68 -18.32 -18.86
CA VAL B 119 -1.05 -17.00 -18.36
C VAL B 119 -1.61 -17.17 -16.95
N PHE B 120 -0.99 -16.50 -15.99
CA PHE B 120 -1.31 -16.67 -14.59
C PHE B 120 -1.55 -15.31 -13.96
N THR B 121 -2.16 -15.32 -12.78
CA THR B 121 -2.39 -14.08 -12.07
CA THR B 121 -2.45 -14.09 -12.06
C THR B 121 -2.14 -14.30 -10.59
N THR B 122 -1.59 -13.26 -9.96
CA THR B 122 -1.41 -13.22 -8.51
C THR B 122 -1.73 -11.82 -8.03
N GLY B 123 -2.26 -11.71 -6.82
CA GLY B 123 -2.61 -10.39 -6.32
C GLY B 123 -2.85 -10.44 -4.83
N SER B 124 -2.88 -9.25 -4.24
CA SER B 124 -3.06 -9.09 -2.80
C SER B 124 -4.26 -8.20 -2.52
N SER B 125 -5.02 -8.57 -1.48
CA SER B 125 -6.18 -7.80 -1.02
C SER B 125 -7.16 -7.66 -2.20
N SER B 126 -7.52 -6.45 -2.62
CA SER B 126 -8.41 -6.34 -3.77
CA SER B 126 -8.39 -6.29 -3.79
C SER B 126 -7.82 -6.99 -5.02
N GLY B 127 -6.49 -7.03 -5.13
CA GLY B 127 -5.87 -7.75 -6.25
C GLY B 127 -6.09 -9.25 -6.14
N ALA B 128 -6.13 -9.78 -4.92
CA ALA B 128 -6.48 -11.19 -4.74
C ALA B 128 -7.93 -11.44 -5.12
N MET B 129 -8.82 -10.51 -4.77
CA MET B 129 -10.22 -10.62 -5.16
C MET B 129 -10.35 -10.65 -6.68
N MET B 130 -9.62 -9.76 -7.36
CA MET B 130 -9.63 -9.76 -8.83
C MET B 130 -9.02 -11.03 -9.41
N SER B 131 -8.02 -11.61 -8.75
CA SER B 131 -7.50 -12.91 -9.20
C SER B 131 -8.61 -13.94 -9.29
N LEU B 132 -9.50 -13.99 -8.31
CA LEU B 132 -10.58 -14.97 -8.34
C LEU B 132 -11.66 -14.58 -9.35
N VAL B 133 -11.86 -13.28 -9.59
CA VAL B 133 -12.76 -12.85 -10.66
C VAL B 133 -12.24 -13.32 -12.02
N LEU B 134 -10.94 -13.15 -12.25
CA LEU B 134 -10.36 -13.62 -13.50
C LEU B 134 -10.47 -15.13 -13.63
N ALA B 135 -10.30 -15.88 -12.53
CA ALA B 135 -10.46 -17.33 -12.56
C ALA B 135 -11.89 -17.73 -12.95
N ALA B 136 -12.89 -17.07 -12.35
CA ALA B 136 -14.28 -17.47 -12.57
C ALA B 136 -14.81 -16.98 -13.91
N ALA B 137 -14.48 -15.75 -14.29
CA ALA B 137 -15.04 -15.15 -15.49
C ALA B 137 -14.21 -15.41 -16.73
N TYR B 138 -12.90 -15.63 -16.59
CA TYR B 138 -12.03 -15.89 -17.73
C TYR B 138 -11.20 -17.17 -17.57
N PRO B 139 -11.84 -18.30 -17.27
CA PRO B 139 -11.10 -19.57 -17.19
C PRO B 139 -10.54 -19.99 -18.53
N ASP B 140 -11.02 -19.38 -19.62
CA ASP B 140 -10.49 -19.61 -20.96
C ASP B 140 -9.16 -18.91 -21.19
N VAL B 141 -8.82 -17.93 -20.36
CA VAL B 141 -7.60 -17.15 -20.52
C VAL B 141 -6.51 -17.58 -19.55
N PHE B 142 -6.86 -17.75 -18.28
CA PHE B 142 -5.90 -17.98 -17.23
C PHE B 142 -5.81 -19.45 -16.89
N SER B 143 -4.60 -19.89 -16.54
CA SER B 143 -4.33 -21.28 -16.21
C SER B 143 -3.89 -21.48 -14.77
N GLY B 144 -3.76 -20.42 -14.00
CA GLY B 144 -3.48 -20.56 -12.58
C GLY B 144 -3.61 -19.21 -11.91
N VAL B 145 -4.03 -19.20 -10.65
CA VAL B 145 -4.19 -17.96 -9.91
CA VAL B 145 -4.27 -17.97 -9.89
C VAL B 145 -3.71 -18.15 -8.48
N ALA B 146 -3.18 -17.08 -7.91
CA ALA B 146 -2.69 -17.07 -6.53
C ALA B 146 -3.27 -15.83 -5.85
N ALA B 147 -4.09 -16.03 -4.82
CA ALA B 147 -4.85 -14.97 -4.19
C ALA B 147 -4.38 -14.82 -2.75
N TYR B 148 -3.73 -13.69 -2.45
CA TYR B 148 -3.22 -13.40 -1.11
C TYR B 148 -4.16 -12.45 -0.38
N SER B 149 -4.86 -12.99 0.62
CA SER B 149 -5.69 -12.19 1.54
C SER B 149 -6.87 -11.54 0.82
N GLY B 150 -7.69 -12.37 0.19
CA GLY B 150 -8.83 -11.87 -0.54
C GLY B 150 -10.18 -12.33 -0.01
N VAL B 151 -11.19 -12.33 -0.87
N VAL B 151 -11.08 -12.59 -0.93
CA VAL B 151 -12.54 -12.78 -0.53
CA VAL B 151 -12.50 -12.71 -0.66
C VAL B 151 -13.08 -13.62 -1.68
C VAL B 151 -13.07 -13.64 -1.71
N PRO B 152 -14.05 -14.49 -1.39
CA PRO B 152 -14.61 -15.36 -2.44
C PRO B 152 -15.18 -14.58 -3.63
N TYR B 153 -15.07 -15.18 -4.82
CA TYR B 153 -15.65 -14.59 -6.01
C TYR B 153 -17.13 -14.30 -5.77
N GLY B 154 -17.55 -13.08 -6.09
CA GLY B 154 -18.94 -12.71 -6.04
C GLY B 154 -19.43 -12.20 -4.71
N CYS B 155 -18.61 -12.23 -3.67
CA CYS B 155 -19.05 -11.76 -2.35
CA CYS B 155 -19.09 -11.77 -2.37
C CYS B 155 -19.53 -10.32 -2.42
N LEU B 156 -18.86 -9.50 -3.23
CA LEU B 156 -19.14 -8.06 -3.31
C LEU B 156 -20.06 -7.71 -4.48
N ARG B 157 -20.68 -8.70 -5.11
CA ARG B 157 -21.58 -8.44 -6.23
C ARG B 157 -22.63 -7.41 -5.83
N GLY B 158 -22.73 -6.36 -6.63
CA GLY B 158 -23.74 -5.34 -6.42
C GLY B 158 -23.42 -4.29 -5.39
N SER B 159 -22.24 -4.31 -4.77
CA SER B 159 -21.91 -3.25 -3.83
C SER B 159 -21.79 -1.92 -4.57
N PRO B 160 -22.33 -0.83 -4.01
CA PRO B 160 -22.12 0.50 -4.60
C PRO B 160 -20.84 1.17 -4.13
N GLY B 161 -20.13 0.58 -3.17
CA GLY B 161 -18.89 1.17 -2.71
C GLY B 161 -17.78 1.03 -3.73
N SER B 162 -16.89 2.02 -3.73
CA SER B 162 -15.68 1.97 -4.53
C SER B 162 -14.59 1.11 -3.90
N SER B 163 -14.85 0.51 -2.75
CA SER B 163 -13.87 -0.32 -2.06
C SER B 163 -14.63 -1.35 -1.24
N PRO B 164 -13.95 -2.42 -0.82
CA PRO B 164 -14.59 -3.37 0.12
C PRO B 164 -14.85 -2.76 1.48
N PHE B 165 -14.33 -1.57 1.75
CA PHE B 165 -14.36 -0.96 3.07
C PHE B 165 -15.29 0.25 3.16
N THR B 166 -16.02 0.54 2.08
CA THR B 166 -17.07 1.55 2.10
C THR B 166 -18.37 0.87 1.71
N ALA B 167 -19.48 1.52 2.08
CA ALA B 167 -20.81 1.02 1.78
C ALA B 167 -21.07 -0.32 2.49
N ASP B 168 -21.12 -1.41 1.72
CA ASP B 168 -21.43 -2.72 2.29
C ASP B 168 -20.14 -3.41 2.70
N GLN B 169 -19.91 -3.52 4.02
CA GLN B 169 -18.71 -4.14 4.55
C GLN B 169 -18.94 -5.55 5.07
N ALA B 170 -20.10 -6.15 4.79
CA ALA B 170 -20.38 -7.51 5.26
C ALA B 170 -19.26 -8.47 4.88
N CYS B 171 -18.77 -8.38 3.64
CA CYS B 171 -17.72 -9.29 3.18
CA CYS B 171 -17.74 -9.27 3.17
C CYS B 171 -16.43 -9.09 3.97
N ALA B 172 -15.93 -7.85 3.99
CA ALA B 172 -14.70 -7.57 4.72
C ALA B 172 -14.82 -7.92 6.19
N ASN B 173 -16.02 -7.75 6.77
CA ASN B 173 -16.23 -8.08 8.17
C ASN B 173 -16.33 -9.57 8.43
N GLY B 174 -16.36 -10.40 7.39
CA GLY B 174 -16.52 -11.83 7.59
C GLY B 174 -17.93 -12.25 7.94
N GLU B 175 -18.92 -11.46 7.56
CA GLU B 175 -20.31 -11.72 7.89
C GLU B 175 -21.06 -12.46 6.79
N VAL B 176 -20.41 -12.76 5.66
CA VAL B 176 -21.04 -13.48 4.57
C VAL B 176 -20.61 -14.94 4.66
N SER B 177 -21.59 -15.84 4.81
CA SER B 177 -21.32 -17.26 4.85
C SER B 177 -22.34 -17.96 3.97
N ARG B 178 -21.86 -18.79 3.05
CA ARG B 178 -22.71 -19.55 2.15
C ARG B 178 -22.21 -20.98 2.08
N THR B 179 -23.09 -21.89 1.66
CA THR B 179 -22.65 -23.27 1.50
C THR B 179 -21.72 -23.40 0.31
N ALA B 180 -20.97 -24.51 0.29
CA ALA B 180 -20.08 -24.77 -0.85
C ALA B 180 -20.86 -24.77 -2.15
N GLN B 181 -22.03 -25.40 -2.17
CA GLN B 181 -22.86 -25.40 -3.38
C GLN B 181 -23.28 -23.99 -3.77
N GLU B 182 -23.65 -23.17 -2.79
CA GLU B 182 -24.04 -21.79 -3.10
C GLU B 182 -22.88 -21.00 -3.70
N TRP B 183 -21.67 -21.18 -3.16
CA TRP B 183 -20.52 -20.47 -3.72
C TRP B 183 -20.16 -21.01 -5.10
N LYS B 184 -20.40 -22.30 -5.35
CA LYS B 184 -20.18 -22.83 -6.69
C LYS B 184 -21.16 -22.21 -7.69
N ASP B 185 -22.43 -22.10 -7.30
CA ASP B 185 -23.41 -21.45 -8.17
C ASP B 185 -23.06 -19.99 -8.40
N GLU B 186 -22.43 -19.36 -7.41
CA GLU B 186 -21.95 -17.99 -7.60
C GLU B 186 -20.91 -17.93 -8.72
N VAL B 187 -19.94 -18.85 -8.68
CA VAL B 187 -18.92 -18.91 -9.73
C VAL B 187 -19.57 -19.14 -11.10
N LYS B 188 -20.61 -19.97 -11.15
CA LYS B 188 -21.27 -20.23 -12.43
C LYS B 188 -21.85 -18.95 -13.04
N MET B 189 -22.28 -18.00 -12.19
CA MET B 189 -22.83 -16.74 -12.68
CA MET B 189 -22.85 -16.77 -12.71
C MET B 189 -21.82 -15.93 -13.45
N ALA B 190 -20.52 -16.20 -13.28
CA ALA B 190 -19.50 -15.44 -14.00
C ALA B 190 -19.55 -15.73 -15.49
N TRP B 191 -20.03 -16.91 -15.87
CA TRP B 191 -20.08 -17.31 -17.28
C TRP B 191 -21.21 -18.31 -17.41
N PRO B 192 -22.45 -17.83 -17.51
CA PRO B 192 -23.59 -18.76 -17.48
C PRO B 192 -23.48 -19.82 -18.56
N GLY B 193 -23.71 -21.07 -18.15
CA GLY B 193 -23.60 -22.20 -19.04
C GLY B 193 -22.22 -22.81 -19.13
N TYR B 194 -21.19 -22.16 -18.58
CA TYR B 194 -19.86 -22.70 -18.68
C TYR B 194 -19.69 -23.89 -17.75
N ASN B 195 -19.14 -24.98 -18.27
CA ASN B 195 -18.88 -26.17 -17.46
C ASN B 195 -17.56 -26.80 -17.86
N GLY B 196 -16.58 -25.98 -18.19
CA GLY B 196 -15.25 -26.45 -18.53
C GLY B 196 -14.34 -26.43 -17.32
N THR B 197 -13.03 -26.39 -17.59
CA THR B 197 -12.04 -26.36 -16.53
C THR B 197 -11.98 -24.97 -15.89
N TYR B 198 -11.39 -24.93 -14.71
CA TYR B 198 -11.03 -23.65 -14.12
C TYR B 198 -9.53 -23.62 -13.82
N PRO B 199 -8.91 -22.44 -13.85
CA PRO B 199 -7.48 -22.37 -13.53
C PRO B 199 -7.23 -22.79 -12.09
N LYS B 200 -6.12 -23.48 -11.88
CA LYS B 200 -5.80 -23.94 -10.53
C LYS B 200 -5.64 -22.76 -9.59
N VAL B 201 -6.21 -22.89 -8.39
CA VAL B 201 -6.36 -21.77 -7.45
C VAL B 201 -5.54 -22.03 -6.20
N GLN B 202 -4.76 -21.03 -5.80
CA GLN B 202 -3.96 -21.06 -4.57
C GLN B 202 -4.37 -19.86 -3.73
N VAL B 203 -4.86 -20.11 -2.51
CA VAL B 203 -5.31 -19.02 -1.65
C VAL B 203 -4.50 -18.98 -0.37
N TRP B 204 -4.30 -17.77 0.16
CA TRP B 204 -3.55 -17.52 1.39
C TRP B 204 -4.34 -16.54 2.25
N HIS B 205 -4.29 -16.72 3.57
CA HIS B 205 -4.88 -15.73 4.48
C HIS B 205 -4.15 -15.79 5.81
N GLY B 206 -4.15 -14.68 6.53
CA GLY B 206 -3.57 -14.60 7.86
C GLY B 206 -4.63 -14.62 8.94
N THR B 207 -4.37 -15.36 10.02
CA THR B 207 -5.35 -15.48 11.09
C THR B 207 -5.58 -14.16 11.84
N ALA B 208 -4.63 -13.25 11.79
CA ALA B 208 -4.71 -11.98 12.52
C ALA B 208 -5.22 -10.83 11.66
N ASP B 209 -5.67 -11.12 10.43
CA ASP B 209 -6.08 -10.05 9.52
C ASP B 209 -7.25 -9.28 10.10
N SER B 210 -7.04 -7.99 10.37
CA SER B 210 -8.07 -7.12 10.92
C SER B 210 -8.79 -6.30 9.84
N VAL B 211 -8.42 -6.48 8.58
CA VAL B 211 -8.96 -5.72 7.46
C VAL B 211 -9.93 -6.57 6.65
N ILE B 212 -9.51 -7.77 6.26
N ILE B 212 -9.50 -7.76 6.24
CA ILE B 212 -10.37 -8.75 5.60
CA ILE B 212 -10.37 -8.76 5.62
C ILE B 212 -10.44 -9.96 6.53
C ILE B 212 -10.43 -9.94 6.57
N SER B 213 -11.63 -10.20 7.09
CA SER B 213 -11.77 -11.24 8.10
C SER B 213 -11.27 -12.59 7.59
N PRO B 214 -10.56 -13.35 8.43
CA PRO B 214 -10.13 -14.70 8.01
C PRO B 214 -11.29 -15.65 7.81
N ASN B 215 -12.51 -15.28 8.23
CA ASN B 215 -13.66 -16.08 7.84
C ASN B 215 -13.69 -16.25 6.32
N ASN B 216 -13.20 -15.25 5.58
CA ASN B 216 -13.23 -15.32 4.13
C ASN B 216 -12.36 -16.43 3.60
N PHE B 217 -11.33 -16.84 4.35
CA PHE B 217 -10.55 -18.02 3.98
C PHE B 217 -11.44 -19.25 3.92
N ASP B 218 -12.24 -19.46 4.98
CA ASP B 218 -13.13 -20.61 5.01
C ASP B 218 -14.12 -20.55 3.85
N GLU B 219 -14.62 -19.36 3.53
CA GLU B 219 -15.57 -19.23 2.43
C GLU B 219 -14.89 -19.51 1.08
N GLU B 220 -13.65 -19.04 0.91
CA GLU B 220 -12.92 -19.34 -0.34
C GLU B 220 -12.67 -20.84 -0.46
N VAL B 221 -12.39 -21.50 0.65
CA VAL B 221 -12.16 -22.94 0.63
C VAL B 221 -13.42 -23.68 0.22
N LYS B 222 -14.56 -23.30 0.79
CA LYS B 222 -15.83 -23.90 0.35
C LYS B 222 -16.06 -23.67 -1.14
N GLN B 223 -15.79 -22.46 -1.61
CA GLN B 223 -16.09 -22.12 -3.01
C GLN B 223 -15.30 -22.98 -3.98
N TRP B 224 -13.97 -23.03 -3.82
CA TRP B 224 -13.15 -23.71 -4.82
C TRP B 224 -13.11 -25.22 -4.60
N SER B 225 -13.25 -25.69 -3.36
CA SER B 225 -13.42 -27.13 -3.19
CA SER B 225 -13.44 -27.12 -3.15
C SER B 225 -14.67 -27.62 -3.90
N ALA B 226 -15.74 -26.81 -3.91
CA ALA B 226 -16.96 -27.19 -4.62
C ALA B 226 -16.78 -27.10 -6.13
N VAL B 227 -16.14 -26.02 -6.61
CA VAL B 227 -15.93 -25.87 -8.05
C VAL B 227 -15.14 -27.04 -8.61
N PHE B 228 -14.07 -27.43 -7.92
CA PHE B 228 -13.21 -28.50 -8.41
C PHE B 228 -13.68 -29.89 -7.98
N GLY B 229 -14.63 -29.98 -7.05
CA GLY B 229 -15.06 -31.27 -6.55
C GLY B 229 -13.98 -32.00 -5.76
N VAL B 230 -13.16 -31.28 -5.00
CA VAL B 230 -12.05 -31.86 -4.27
C VAL B 230 -12.20 -31.52 -2.79
N ASN B 231 -11.58 -32.35 -1.95
CA ASN B 231 -11.54 -32.15 -0.51
C ASN B 231 -10.11 -32.25 -0.02
N VAL B 232 -9.87 -31.81 1.22
CA VAL B 232 -8.51 -31.86 1.78
C VAL B 232 -8.04 -33.30 1.87
N THR B 233 -6.87 -33.57 1.31
CA THR B 233 -6.25 -34.89 1.38
C THR B 233 -4.99 -34.92 2.22
N LYS B 234 -4.28 -33.80 2.35
CA LYS B 234 -3.05 -33.72 3.14
C LYS B 234 -2.92 -32.33 3.70
N GLU B 235 -2.22 -32.23 4.82
CA GLU B 235 -1.90 -30.95 5.44
C GLU B 235 -0.42 -30.94 5.78
N GLU B 236 0.25 -29.82 5.52
CA GLU B 236 1.65 -29.62 5.90
C GLU B 236 1.72 -28.46 6.89
N GLN B 237 2.47 -28.66 7.96
CA GLN B 237 2.70 -27.62 8.95
C GLN B 237 3.94 -26.83 8.57
N ASP B 238 3.94 -25.54 8.96
CA ASP B 238 5.10 -24.68 8.79
C ASP B 238 5.57 -24.67 7.34
N SER B 239 4.61 -24.52 6.44
CA SER B 239 4.84 -24.77 5.01
C SER B 239 4.19 -23.63 4.24
N PRO B 240 4.97 -22.71 3.65
CA PRO B 240 6.44 -22.73 3.49
C PRO B 240 7.21 -22.08 4.62
N LEU B 241 6.52 -21.39 5.53
CA LEU B 241 7.15 -20.69 6.64
C LEU B 241 6.48 -21.12 7.93
N ASP B 242 7.16 -20.86 9.05
CA ASP B 242 6.62 -21.28 10.35
C ASP B 242 5.24 -20.67 10.56
N GLY B 243 4.30 -21.50 11.02
CA GLY B 243 2.94 -21.07 11.26
C GLY B 243 2.02 -21.09 10.06
N TYR B 244 2.53 -21.38 8.87
CA TYR B 244 1.70 -21.51 7.69
C TYR B 244 1.22 -22.95 7.59
N THR B 245 -0.09 -23.15 7.66
CA THR B 245 -0.68 -24.47 7.51
C THR B 245 -1.20 -24.61 6.10
N ARG B 246 -0.63 -25.54 5.34
CA ARG B 246 -0.96 -25.75 3.95
C ARG B 246 -1.94 -26.90 3.85
N SER B 247 -3.11 -26.64 3.26
CA SER B 247 -4.12 -27.67 3.00
C SER B 247 -4.07 -28.02 1.52
N ILE B 248 -3.77 -29.27 1.22
CA ILE B 248 -3.69 -29.76 -0.15
C ILE B 248 -4.97 -30.53 -0.44
N PHE B 249 -5.60 -30.23 -1.58
CA PHE B 249 -6.88 -30.81 -1.94
C PHE B 249 -6.71 -31.79 -3.09
N GLY B 250 -7.46 -32.89 -3.04
CA GLY B 250 -7.37 -33.89 -4.08
C GLY B 250 -5.94 -34.33 -4.31
N ASP B 251 -5.54 -34.39 -5.57
CA ASP B 251 -4.17 -34.77 -5.91
C ASP B 251 -3.22 -33.57 -5.93
N GLY B 252 -3.69 -32.40 -5.49
CA GLY B 252 -2.85 -31.22 -5.42
C GLY B 252 -2.75 -30.41 -6.69
N SER B 253 -3.46 -30.78 -7.75
CA SER B 253 -3.29 -30.13 -9.04
C SER B 253 -4.30 -29.01 -9.31
N HIS B 254 -5.30 -28.82 -8.45
CA HIS B 254 -6.31 -27.80 -8.71
C HIS B 254 -6.47 -26.77 -7.60
N PHE B 255 -6.29 -27.15 -6.34
CA PHE B 255 -6.59 -26.22 -5.26
C PHE B 255 -5.69 -26.51 -4.06
N GLU B 256 -5.06 -25.47 -3.52
CA GLU B 256 -4.36 -25.55 -2.24
C GLU B 256 -4.56 -24.24 -1.50
N ALA B 257 -4.47 -24.30 -0.17
CA ALA B 257 -4.81 -23.14 0.66
C ALA B 257 -3.88 -23.05 1.84
N TYR B 258 -3.50 -21.83 2.21
CA TYR B 258 -2.56 -21.60 3.29
C TYR B 258 -3.17 -20.65 4.30
N LEU B 259 -3.21 -21.06 5.56
CA LEU B 259 -3.66 -20.21 6.65
C LEU B 259 -2.46 -19.94 7.54
N ALA B 260 -2.08 -18.65 7.66
CA ALA B 260 -0.82 -18.28 8.32
C ALA B 260 -1.10 -17.73 9.72
N GLU B 261 -0.68 -18.49 10.73
CA GLU B 261 -0.93 -18.10 12.12
C GLU B 261 -0.21 -16.82 12.46
N GLY B 262 -0.96 -15.84 12.99
CA GLY B 262 -0.37 -14.60 13.46
C GLY B 262 -0.12 -13.57 12.38
N VAL B 263 -0.38 -13.88 11.13
CA VAL B 263 -0.14 -12.96 10.03
C VAL B 263 -1.39 -12.13 9.83
N GLY B 264 -1.20 -10.85 9.50
CA GLY B 264 -2.32 -9.97 9.27
C GLY B 264 -2.55 -9.64 7.81
N HIS B 265 -3.04 -8.42 7.55
CA HIS B 265 -3.29 -7.96 6.19
C HIS B 265 -2.01 -7.32 5.68
N VAL B 266 -1.41 -7.89 4.63
CA VAL B 266 -1.73 -9.11 3.87
C VAL B 266 -0.69 -10.20 4.12
N VAL B 267 -0.99 -11.42 3.71
CA VAL B 267 0.03 -12.46 3.68
C VAL B 267 1.08 -12.04 2.66
N PRO B 268 2.36 -11.95 3.03
CA PRO B 268 3.39 -11.61 2.03
C PRO B 268 3.47 -12.67 0.95
N THR B 269 3.69 -12.23 -0.28
CA THR B 269 3.75 -13.16 -1.40
C THR B 269 4.95 -14.07 -1.24
N GLN B 270 4.73 -15.37 -1.45
CA GLN B 270 5.75 -16.40 -1.36
C GLN B 270 6.04 -16.83 -2.79
N VAL B 271 7.05 -16.19 -3.39
CA VAL B 271 7.25 -16.31 -4.83
C VAL B 271 7.49 -17.75 -5.25
N ASP B 272 8.35 -18.47 -4.51
CA ASP B 272 8.62 -19.87 -4.88
C ASP B 272 7.35 -20.71 -4.84
N SER B 273 6.53 -20.56 -3.80
CA SER B 273 5.31 -21.35 -3.69
C SER B 273 4.38 -21.07 -4.85
N THR B 274 4.28 -19.80 -5.25
CA THR B 274 3.37 -19.41 -6.33
C THR B 274 3.92 -19.81 -7.69
N LEU B 275 5.22 -19.66 -7.92
CA LEU B 275 5.80 -20.09 -9.20
C LEU B 275 5.70 -21.60 -9.37
N ARG B 276 5.89 -22.37 -8.29
CA ARG B 276 5.69 -23.81 -8.38
C ARG B 276 4.24 -24.14 -8.70
N TRP B 277 3.31 -23.39 -8.10
CA TRP B 277 1.91 -23.60 -8.39
C TRP B 277 1.62 -23.38 -9.87
N PHE B 278 2.27 -22.38 -10.47
CA PHE B 278 2.08 -22.10 -11.89
C PHE B 278 2.84 -23.07 -12.77
N GLY B 279 3.66 -23.95 -12.19
CA GLY B 279 4.43 -24.90 -12.95
C GLY B 279 5.63 -24.32 -13.65
N LEU B 280 6.04 -23.11 -13.27
CA LEU B 280 7.17 -22.45 -13.94
C LEU B 280 8.51 -22.90 -13.37
N ILE B 281 8.53 -23.40 -12.14
CA ILE B 281 9.70 -24.04 -11.53
C ILE B 281 9.17 -25.26 -10.79
C1 NAG C . 3.07 32.99 23.34
C2 NAG C . 3.17 33.84 24.60
C3 NAG C . 1.89 34.65 24.79
C4 NAG C . 1.59 35.45 23.53
C5 NAG C . 1.56 34.54 22.31
C6 NAG C . 1.38 35.28 21.02
C7 NAG C . 4.33 33.31 26.70
C8 NAG C . 4.47 32.32 27.82
N2 NAG C . 3.43 33.00 25.76
O3 NAG C . 2.06 35.53 25.89
O4 NAG C . 0.32 36.09 23.66
O5 NAG C . 2.80 33.82 22.22
O6 NAG C . 1.33 34.38 19.92
O7 NAG C . 5.00 34.33 26.65
C ACT D . 1.08 4.23 -0.43
O ACT D . 1.59 4.78 0.58
OXT ACT D . 1.63 3.46 -1.29
CH3 ACT D . -0.43 4.54 -0.67
C ACT E . 19.17 -2.40 25.71
O ACT E . 18.31 -1.62 26.23
OXT ACT E . 19.03 -3.17 24.72
CH3 ACT E . 20.60 -2.41 26.36
C ACT F . -4.23 8.55 -8.89
O ACT F . -4.03 8.62 -7.66
OXT ACT F . -5.22 8.96 -9.53
CH3 ACT F . -3.13 7.88 -9.72
C1 NAG G . -20.02 -30.74 -16.36
C2 NAG G . -21.29 -31.58 -16.44
C3 NAG G . -21.07 -32.98 -15.86
C4 NAG G . -19.83 -33.63 -16.45
C5 NAG G . -18.63 -32.70 -16.30
C6 NAG G . -17.38 -33.25 -16.92
C7 NAG G . -23.48 -30.49 -16.39
C8 NAG G . -23.49 -30.71 -17.87
N2 NAG G . -22.39 -30.92 -15.76
O3 NAG G . -22.21 -33.79 -16.13
O4 NAG G . -19.57 -34.86 -15.79
O5 NAG G . -18.92 -31.45 -16.94
O6 NAG G . -16.74 -32.28 -17.74
O7 NAG G . -24.41 -29.93 -15.81
C1 NAG H . -16.03 -34.07 -0.49
C2 NAG H . -16.53 -35.37 -1.13
C3 NAG H . -18.03 -35.27 -1.41
C4 NAG H . -18.79 -34.90 -0.16
C5 NAG H . -18.22 -33.62 0.46
C6 NAG H . -18.85 -33.27 1.78
C7 NAG H . -14.70 -36.42 -2.39
C8 NAG H . -14.08 -36.61 -3.74
N2 NAG H . -15.79 -35.65 -2.35
O3 NAG H . -18.50 -36.51 -1.92
O4 NAG H . -20.17 -34.69 -0.45
O5 NAG H . -16.81 -33.79 0.71
O6 NAG H . -18.77 -31.87 2.05
O7 NAG H . -14.23 -36.93 -1.38
C ACT I . -3.53 -7.01 11.13
O ACT I . -4.15 -6.95 12.24
OXT ACT I . -3.99 -6.92 9.96
CH3 ACT I . -1.98 -7.21 11.27
C ACT J . -1.75 -4.77 0.04
O ACT J . -2.93 -4.40 0.25
OXT ACT J . -1.26 -5.37 -0.96
CH3 ACT J . -0.72 -4.46 1.18
C ACT K . -23.06 -25.45 -15.86
O ACT K . -22.24 -25.20 -14.92
OXT ACT K . -23.67 -24.66 -16.62
CH3 ACT K . -23.36 -26.97 -16.07
#